data_1KR3
#
_entry.id   1KR3
#
_cell.length_a   41.800
_cell.length_b   44.200
_cell.length_c   58.500
_cell.angle_alpha   92.80
_cell.angle_beta   95.30
_cell.angle_gamma   98.00
#
_symmetry.space_group_name_H-M   'P 1'
#
loop_
_entity.id
_entity.type
_entity.pdbx_description
1 polymer 'beta-Lactamase, type II'
2 non-polymer 'ZINC ION'
3 non-polymer 'SODIUM ION'
4 non-polymer '7,8-DIHYDROXY-1-METHOXY-3-METHYL-10-OXO-4,10-DIHYDRO-1H,3H-PYRANO[4,3-B]CHROMENE-9-CARBOXYLIC ACID'
5 water water
#
_entity_poly.entity_id   1
_entity_poly.type   'polypeptide(L)'
_entity_poly.pdbx_seq_one_letter_code
;AQKSVKISDDISITQLSDKVYTYVSLAEIEGWGMVPSNGMIVINNHQAALLDTPINDAQTEMLVNWVTDSLHAKVTTFIP
NHWHGDCIGGLGYLQRKGVQSYANQMTIDLAKEKGLPVPEHGFTDSLTVSLDGMPLQCYYLGGGHATDNIVVWLPTENIL
FGGCMLKDNQATSIGNISDADVTAWPKTLDKVKAKFPSARYVVPGHGDYGGTELIEHTKQIVNQYIESTSKP
;
_entity_poly.pdbx_strand_id   A,B
#
loop_
_chem_comp.id
_chem_comp.type
_chem_comp.name
_chem_comp.formula
113 non-polymer '7,8-DIHYDROXY-1-METHOXY-3-METHYL-10-OXO-4,10-DIHYDRO-1H,3H-PYRANO[4,3-B]CHROMENE-9-CARBOXYLIC ACID' 'C15 H14 O8'
NA non-polymer 'SODIUM ION' 'Na 1'
ZN non-polymer 'ZINC ION' 'Zn 2'
#
# COMPACT_ATOMS: atom_id res chain seq x y z
N SER A 4 7.24 -26.07 19.53
CA SER A 4 7.28 -24.76 18.84
C SER A 4 7.24 -23.60 19.80
N VAL A 5 8.43 -23.20 20.25
CA VAL A 5 8.62 -22.11 21.18
C VAL A 5 8.07 -20.75 20.72
N LYS A 6 7.76 -19.90 21.70
CA LYS A 6 7.26 -18.54 21.50
C LYS A 6 8.44 -17.64 21.91
N ILE A 7 8.67 -16.58 21.15
CA ILE A 7 9.78 -15.66 21.45
C ILE A 7 9.29 -14.24 21.66
N SER A 8 8.00 -14.06 21.43
CA SER A 8 7.33 -12.79 21.57
C SER A 8 5.85 -13.14 21.73
N ASP A 9 4.99 -12.14 21.88
CA ASP A 9 3.56 -12.44 22.03
C ASP A 9 2.97 -12.76 20.67
N ASP A 10 3.66 -12.34 19.61
CA ASP A 10 3.17 -12.58 18.26
C ASP A 10 4.13 -13.35 17.37
N ILE A 11 5.21 -13.85 17.95
CA ILE A 11 6.19 -14.58 17.17
C ILE A 11 6.63 -15.94 17.73
N SER A 12 6.37 -17.00 16.93
CA SER A 12 6.73 -18.38 17.28
C SER A 12 7.85 -18.95 16.40
N ILE A 13 8.66 -19.81 16.98
CA ILE A 13 9.77 -20.46 16.26
C ILE A 13 9.75 -21.96 16.43
N THR A 14 10.17 -22.66 15.39
CA THR A 14 10.31 -24.12 15.38
C THR A 14 11.62 -24.40 14.69
N GLN A 15 12.29 -25.46 15.08
CA GLN A 15 13.56 -25.81 14.51
C GLN A 15 13.49 -27.03 13.60
N LEU A 16 13.99 -26.92 12.38
CA LEU A 16 13.93 -28.07 11.49
C LEU A 16 15.26 -28.78 11.52
N SER A 17 16.34 -28.01 11.45
CA SER A 17 17.71 -28.56 11.51
C SER A 17 18.59 -27.58 12.30
N ASP A 18 19.86 -27.92 12.44
CA ASP A 18 20.79 -27.07 13.17
C ASP A 18 21.00 -25.71 12.51
N LYS A 19 20.79 -25.66 11.19
CA LYS A 19 20.98 -24.44 10.39
C LYS A 19 19.69 -23.73 9.94
N VAL A 20 18.61 -24.47 9.80
CA VAL A 20 17.35 -23.91 9.33
C VAL A 20 16.28 -23.88 10.42
N TYR A 21 15.51 -22.81 10.42
CA TYR A 21 14.44 -22.56 11.36
C TYR A 21 13.21 -22.02 10.61
N THR A 22 12.04 -22.17 11.19
CA THR A 22 10.83 -21.63 10.57
C THR A 22 10.17 -20.80 11.67
N TYR A 23 9.50 -19.72 11.32
CA TYR A 23 8.83 -18.90 12.35
C TYR A 23 7.41 -18.61 11.91
N VAL A 24 6.56 -18.26 12.88
CA VAL A 24 5.19 -17.91 12.56
C VAL A 24 4.97 -16.59 13.25
N SER A 25 4.50 -15.60 12.50
CA SER A 25 4.23 -14.32 13.09
C SER A 25 2.74 -14.10 12.92
N LEU A 26 2.07 -13.79 14.03
CA LEU A 26 0.63 -13.55 14.01
C LEU A 26 0.33 -12.09 13.72
N ALA A 27 -0.47 -11.85 12.67
CA ALA A 27 -0.85 -10.49 12.29
C ALA A 27 -2.31 -10.42 11.84
N GLU A 28 -2.83 -9.20 11.85
CA GLU A 28 -4.20 -8.88 11.44
C GLU A 28 -4.24 -8.37 9.99
N ILE A 29 -5.25 -8.75 9.23
CA ILE A 29 -5.37 -8.26 7.86
C ILE A 29 -6.83 -7.92 7.56
N GLU A 30 -7.09 -6.66 7.23
CA GLU A 30 -8.44 -6.23 6.93
C GLU A 30 -9.10 -7.13 5.89
N GLY A 31 -9.97 -8.03 6.35
CA GLY A 31 -10.65 -8.92 5.43
C GLY A 31 -10.33 -10.39 5.65
N TRP A 32 -9.32 -10.69 6.46
CA TRP A 32 -8.95 -12.07 6.72
C TRP A 32 -8.68 -12.38 8.20
N GLY A 33 -8.83 -11.34 9.03
CA GLY A 33 -8.63 -11.46 10.46
C GLY A 33 -7.26 -11.87 10.98
N MET A 34 -7.24 -12.33 12.23
CA MET A 34 -6.04 -12.83 12.90
C MET A 34 -5.44 -13.96 12.08
N VAL A 35 -4.37 -13.70 11.34
CA VAL A 35 -3.77 -14.77 10.56
C VAL A 35 -2.24 -14.89 10.64
N PRO A 36 -1.74 -16.13 10.78
CA PRO A 36 -0.35 -16.60 10.88
C PRO A 36 0.43 -16.70 9.55
N SER A 37 1.56 -15.98 9.45
CA SER A 37 2.37 -16.02 8.23
C SER A 37 3.73 -16.61 8.55
N ASN A 38 4.23 -17.47 7.67
CA ASN A 38 5.54 -18.12 7.86
C ASN A 38 6.71 -17.57 7.04
N GLY A 39 7.91 -17.84 7.55
CA GLY A 39 9.15 -17.44 6.91
C GLY A 39 10.24 -18.31 7.50
N MET A 40 11.35 -18.46 6.78
CA MET A 40 12.41 -19.25 7.28
C MET A 40 13.56 -18.36 7.71
N ILE A 41 14.50 -18.94 8.43
CA ILE A 41 15.69 -18.25 8.89
C ILE A 41 16.71 -19.32 8.65
N VAL A 42 17.82 -18.96 7.99
CA VAL A 42 18.88 -19.91 7.63
C VAL A 42 20.18 -19.30 8.17
N ILE A 43 20.96 -20.11 8.88
CA ILE A 43 22.21 -19.66 9.49
C ILE A 43 23.47 -20.42 9.03
N ASN A 44 24.61 -19.74 9.03
CA ASN A 44 25.89 -20.34 8.62
C ASN A 44 27.02 -19.38 8.97
N ASN A 45 28.02 -19.86 9.70
CA ASN A 45 29.16 -19.05 10.15
C ASN A 45 28.78 -17.69 10.72
N HIS A 46 27.71 -17.67 11.52
CA HIS A 46 27.20 -16.44 12.17
C HIS A 46 26.42 -15.46 11.32
N GLN A 47 26.08 -15.86 10.09
CA GLN A 47 25.31 -15.01 9.19
C GLN A 47 23.95 -15.57 8.91
N ALA A 48 22.98 -14.70 8.76
CA ALA A 48 21.65 -15.23 8.56
C ALA A 48 20.99 -14.71 7.32
N ALA A 49 20.16 -15.55 6.72
CA ALA A 49 19.40 -15.18 5.55
C ALA A 49 17.98 -15.28 6.05
N LEU A 50 17.15 -14.28 5.75
CA LEU A 50 15.77 -14.28 6.14
C LEU A 50 14.85 -14.37 4.89
N LEU A 51 13.98 -15.37 4.83
CA LEU A 51 13.07 -15.54 3.68
C LEU A 51 11.71 -15.06 4.14
N ASP A 52 11.19 -14.00 3.55
CA ASP A 52 9.92 -13.41 3.98
C ASP A 52 10.14 -12.67 5.30
N THR A 53 9.36 -11.63 5.53
CA THR A 53 9.43 -10.90 6.80
C THR A 53 8.02 -10.77 7.31
N PRO A 54 7.83 -10.60 8.62
CA PRO A 54 6.46 -10.42 9.12
C PRO A 54 5.85 -9.22 8.32
N ILE A 55 4.55 -8.97 8.44
CA ILE A 55 3.95 -7.90 7.66
C ILE A 55 4.46 -6.49 7.93
N ASN A 56 5.14 -6.26 9.05
CA ASN A 56 5.63 -4.91 9.25
C ASN A 56 6.99 -4.83 9.93
N ASP A 57 7.55 -3.61 9.94
CA ASP A 57 8.87 -3.31 10.51
C ASP A 57 9.05 -3.69 12.02
N ALA A 58 8.01 -3.51 12.85
CA ALA A 58 8.15 -3.86 14.27
C ALA A 58 8.43 -5.36 14.49
N GLN A 59 7.52 -6.22 14.01
CA GLN A 59 7.70 -7.68 14.11
C GLN A 59 9.03 -8.18 13.50
N THR A 60 9.46 -7.51 12.44
CA THR A 60 10.69 -7.81 11.72
C THR A 60 11.89 -7.54 12.60
N GLU A 61 11.88 -6.37 13.25
CA GLU A 61 12.97 -5.93 14.14
C GLU A 61 13.16 -6.87 15.34
N MET A 62 12.02 -7.24 15.94
CA MET A 62 12.00 -8.13 17.08
C MET A 62 12.67 -9.38 16.61
N LEU A 63 12.14 -9.91 15.50
CA LEU A 63 12.64 -11.13 14.89
C LEU A 63 14.12 -11.00 14.55
N VAL A 64 14.52 -9.83 14.07
CA VAL A 64 15.92 -9.63 13.73
C VAL A 64 16.88 -9.70 14.94
N ASN A 65 16.43 -9.20 16.09
CA ASN A 65 17.23 -9.24 17.31
C ASN A 65 17.22 -10.62 17.98
N TRP A 66 16.09 -11.32 17.92
CA TRP A 66 16.01 -12.66 18.51
C TRP A 66 17.13 -13.51 17.88
N VAL A 67 17.24 -13.43 16.57
CA VAL A 67 18.22 -14.12 15.74
C VAL A 67 19.63 -13.84 16.27
N THR A 68 19.99 -12.58 16.29
CA THR A 68 21.32 -12.21 16.76
C THR A 68 21.53 -12.56 18.23
N ASP A 69 20.50 -12.32 19.05
CA ASP A 69 20.59 -12.64 20.47
C ASP A 69 20.58 -14.11 20.77
N SER A 70 19.70 -14.86 20.12
CA SER A 70 19.62 -16.29 20.37
C SER A 70 20.46 -17.18 19.47
N LEU A 71 20.50 -16.88 18.18
CA LEU A 71 21.27 -17.70 17.28
C LEU A 71 22.64 -17.05 17.05
N HIS A 72 22.80 -15.82 17.53
CA HIS A 72 24.07 -15.09 17.42
C HIS A 72 24.43 -14.86 15.96
N ALA A 73 23.52 -14.29 15.18
CA ALA A 73 23.86 -14.12 13.78
C ALA A 73 23.40 -12.83 13.14
N LYS A 74 24.31 -12.23 12.35
CA LYS A 74 24.04 -10.99 11.64
C LYS A 74 23.19 -11.38 10.43
N VAL A 75 22.00 -10.78 10.34
CA VAL A 75 21.10 -11.03 9.22
C VAL A 75 21.62 -10.15 8.06
N THR A 76 22.25 -10.81 7.08
CA THR A 76 22.84 -10.17 5.91
C THR A 76 22.07 -10.38 4.61
N THR A 77 21.10 -11.30 4.61
CA THR A 77 20.36 -11.65 3.38
C THR A 77 18.85 -11.78 3.48
N PHE A 78 18.15 -11.28 2.47
CA PHE A 78 16.70 -11.32 2.35
C PHE A 78 16.24 -11.61 0.92
N ILE A 79 15.24 -12.50 0.86
CA ILE A 79 14.59 -12.98 -0.35
C ILE A 79 13.10 -13.07 -0.03
N PRO A 80 12.26 -12.30 -0.72
CA PRO A 80 10.81 -12.39 -0.46
C PRO A 80 10.17 -13.36 -1.48
N ASN A 81 9.12 -14.09 -1.05
CA ASN A 81 8.41 -15.05 -1.90
C ASN A 81 7.73 -14.38 -3.07
N HIS A 82 7.08 -13.25 -2.78
CA HIS A 82 6.43 -12.42 -3.77
C HIS A 82 6.18 -11.01 -3.19
N TRP A 83 5.54 -10.14 -3.98
CA TRP A 83 5.27 -8.76 -3.57
C TRP A 83 4.30 -8.47 -2.46
N HIS A 84 3.64 -9.47 -1.86
CA HIS A 84 2.68 -9.16 -0.79
C HIS A 84 3.21 -8.73 0.57
N GLY A 85 2.30 -8.20 1.38
CA GLY A 85 2.63 -7.72 2.71
C GLY A 85 3.30 -8.72 3.62
N ASP A 86 2.87 -9.96 3.54
CA ASP A 86 3.44 -11.00 4.37
C ASP A 86 4.73 -11.63 3.79
N CYS A 87 5.40 -10.89 2.91
CA CYS A 87 6.65 -11.33 2.33
C CYS A 87 7.69 -10.17 2.46
N ILE A 88 7.32 -8.93 2.12
CA ILE A 88 8.28 -7.82 2.23
C ILE A 88 7.81 -6.70 3.14
N GLY A 89 6.79 -6.99 3.92
CA GLY A 89 6.23 -5.99 4.81
C GLY A 89 7.22 -5.21 5.65
N GLY A 90 8.37 -5.80 5.98
CA GLY A 90 9.35 -5.14 6.83
C GLY A 90 10.69 -4.88 6.16
N LEU A 91 10.69 -4.91 4.84
CA LEU A 91 11.92 -4.68 4.10
C LEU A 91 12.51 -3.29 4.30
N GLY A 92 11.67 -2.29 4.50
CA GLY A 92 12.21 -0.95 4.73
C GLY A 92 13.14 -0.99 5.94
N TYR A 93 12.69 -1.67 6.99
CA TYR A 93 13.51 -1.82 8.17
C TYR A 93 14.81 -2.46 7.75
N LEU A 94 14.75 -3.65 7.16
CA LEU A 94 16.00 -4.33 6.77
C LEU A 94 16.92 -3.42 5.99
N GLN A 95 16.34 -2.58 5.13
CA GLN A 95 17.15 -1.65 4.36
C GLN A 95 17.86 -0.64 5.26
N ARG A 96 17.11 0.01 6.16
CA ARG A 96 17.73 0.95 7.10
C ARG A 96 18.98 0.30 7.71
N LYS A 97 19.00 -1.03 7.73
CA LYS A 97 20.12 -1.73 8.33
C LYS A 97 21.08 -2.40 7.36
N GLY A 98 21.09 -1.91 6.11
CA GLY A 98 21.98 -2.46 5.09
C GLY A 98 21.92 -3.94 4.66
N VAL A 99 20.73 -4.52 4.61
CA VAL A 99 20.58 -5.92 4.21
C VAL A 99 20.50 -6.09 2.68
N GLN A 100 21.27 -7.02 2.13
CA GLN A 100 21.21 -7.30 0.69
C GLN A 100 19.85 -7.98 0.39
N SER A 101 19.13 -7.48 -0.62
CA SER A 101 17.84 -8.07 -1.00
C SER A 101 17.95 -8.69 -2.38
N TYR A 102 17.28 -9.82 -2.57
CA TYR A 102 17.27 -10.56 -3.84
C TYR A 102 15.82 -10.96 -4.15
N ALA A 103 15.45 -11.01 -5.42
CA ALA A 103 14.08 -11.38 -5.73
C ALA A 103 13.82 -11.63 -7.18
N ASN A 104 12.67 -12.22 -7.48
CA ASN A 104 12.25 -12.39 -8.86
C ASN A 104 12.19 -10.93 -9.38
N GLN A 105 12.69 -10.74 -10.60
CA GLN A 105 12.70 -9.41 -11.24
C GLN A 105 11.27 -8.83 -11.29
N MET A 106 10.26 -9.68 -11.47
CA MET A 106 8.88 -9.24 -11.53
C MET A 106 8.43 -8.75 -10.14
N THR A 107 9.03 -9.27 -9.06
CA THR A 107 8.69 -8.81 -7.70
C THR A 107 9.24 -7.39 -7.57
N ILE A 108 10.42 -7.14 -8.16
CA ILE A 108 11.02 -5.79 -8.15
C ILE A 108 10.10 -4.82 -8.87
N ASP A 109 9.70 -5.15 -10.08
CA ASP A 109 8.84 -4.24 -10.83
C ASP A 109 7.50 -3.94 -10.15
N LEU A 110 6.89 -4.95 -9.54
CA LEU A 110 5.63 -4.74 -8.86
C LEU A 110 5.75 -3.84 -7.62
N ALA A 111 6.87 -3.91 -6.88
CA ALA A 111 7.02 -3.07 -5.67
C ALA A 111 7.38 -1.62 -6.01
N LYS A 112 8.06 -1.47 -7.14
CA LYS A 112 8.47 -0.19 -7.64
C LYS A 112 7.27 0.66 -8.10
N GLU A 113 6.30 0.03 -8.74
CA GLU A 113 5.20 0.79 -9.22
C GLU A 113 4.09 0.96 -8.19
N LYS A 114 4.25 0.34 -7.01
CA LYS A 114 3.23 0.51 -5.97
C LYS A 114 3.84 1.20 -4.74
N GLY A 115 5.06 1.71 -4.94
CA GLY A 115 5.79 2.47 -3.94
C GLY A 115 6.12 1.82 -2.61
N LEU A 116 6.44 0.52 -2.69
CA LEU A 116 6.78 -0.32 -1.55
C LEU A 116 8.30 -0.43 -1.62
N PRO A 117 8.98 -0.69 -0.49
CA PRO A 117 10.42 -0.78 -0.71
C PRO A 117 10.71 -1.86 -1.77
N VAL A 118 11.77 -1.61 -2.54
CA VAL A 118 12.22 -2.43 -3.65
C VAL A 118 13.50 -3.23 -3.32
N PRO A 119 13.57 -4.51 -3.69
CA PRO A 119 14.77 -5.30 -3.42
C PRO A 119 15.87 -4.84 -4.41
N GLU A 120 17.13 -5.13 -4.14
CA GLU A 120 18.16 -4.64 -5.05
C GLU A 120 18.64 -5.48 -6.20
N HIS A 121 18.32 -6.77 -6.24
CA HIS A 121 18.78 -7.61 -7.37
C HIS A 121 17.71 -8.60 -7.81
N GLY A 122 17.25 -8.49 -9.05
CA GLY A 122 16.28 -9.43 -9.54
C GLY A 122 16.88 -10.55 -10.37
N PHE A 123 16.20 -11.67 -10.44
CA PHE A 123 16.67 -12.76 -11.31
C PHE A 123 15.42 -13.00 -12.16
N THR A 124 15.56 -13.72 -13.26
CA THR A 124 14.34 -13.94 -14.01
C THR A 124 14.00 -15.42 -14.03
N ASP A 125 15.02 -16.29 -13.92
CA ASP A 125 14.73 -17.73 -13.90
C ASP A 125 15.21 -18.35 -12.57
N SER A 126 16.52 -18.35 -12.32
CA SER A 126 17.00 -18.86 -11.06
C SER A 126 18.18 -18.04 -10.48
N LEU A 127 18.34 -18.07 -9.17
CA LEU A 127 19.44 -17.38 -8.49
C LEU A 127 20.02 -18.26 -7.38
N THR A 128 21.32 -18.54 -7.42
CA THR A 128 21.93 -19.32 -6.34
C THR A 128 22.62 -18.28 -5.50
N VAL A 129 22.14 -18.10 -4.29
CA VAL A 129 22.70 -17.12 -3.35
C VAL A 129 23.54 -17.81 -2.29
N SER A 130 24.74 -17.30 -2.06
CA SER A 130 25.59 -17.96 -1.09
C SER A 130 25.71 -17.24 0.23
N LEU A 131 25.25 -17.93 1.28
CA LEU A 131 25.30 -17.41 2.63
C LEU A 131 26.60 -18.01 3.06
N ASP A 132 27.65 -17.22 2.99
CA ASP A 132 29.00 -17.61 3.37
C ASP A 132 29.36 -19.07 3.11
N GLY A 133 29.01 -19.59 1.93
CA GLY A 133 29.34 -20.97 1.61
C GLY A 133 28.18 -21.88 1.22
N MET A 134 27.19 -21.94 2.10
CA MET A 134 25.93 -22.69 1.96
C MET A 134 25.05 -22.12 0.82
N PRO A 135 24.73 -22.92 -0.21
CA PRO A 135 23.91 -22.43 -1.32
C PRO A 135 22.44 -22.15 -1.02
N LEU A 136 21.80 -21.17 -1.67
CA LEU A 136 20.34 -20.95 -1.49
C LEU A 136 19.78 -20.79 -2.89
N GLN A 137 19.11 -21.81 -3.38
CA GLN A 137 18.54 -21.82 -4.71
C GLN A 137 17.11 -21.30 -4.84
N CYS A 138 16.98 -20.18 -5.56
CA CYS A 138 15.70 -19.54 -5.84
C CYS A 138 15.29 -19.82 -7.29
N TYR A 139 14.05 -20.28 -7.49
CA TYR A 139 13.55 -20.58 -8.83
C TYR A 139 12.20 -19.99 -9.07
N TYR A 140 11.96 -19.57 -10.31
CA TYR A 140 10.65 -19.06 -10.72
C TYR A 140 10.17 -20.15 -11.72
N LEU A 141 9.15 -20.95 -11.36
CA LEU A 141 8.71 -22.03 -12.26
C LEU A 141 7.36 -21.77 -12.97
N GLY A 142 6.87 -20.55 -12.75
CA GLY A 142 5.59 -20.13 -13.30
C GLY A 142 4.76 -19.45 -12.23
N GLY A 143 3.67 -18.82 -12.63
CA GLY A 143 2.81 -18.16 -11.66
C GLY A 143 1.99 -19.18 -10.88
N GLY A 144 1.55 -18.75 -9.71
CA GLY A 144 0.71 -19.59 -8.87
C GLY A 144 -0.24 -18.70 -8.08
N HIS A 145 0.04 -18.59 -6.77
CA HIS A 145 -0.73 -17.77 -5.84
C HIS A 145 -0.72 -16.34 -6.32
N ALA A 146 0.45 -15.94 -6.82
CA ALA A 146 0.72 -14.61 -7.33
C ALA A 146 1.54 -14.80 -8.60
N THR A 147 1.49 -13.84 -9.51
CA THR A 147 2.24 -13.96 -10.77
C THR A 147 3.77 -14.08 -10.61
N ASP A 148 4.29 -13.42 -9.57
CA ASP A 148 5.72 -13.38 -9.31
C ASP A 148 6.34 -14.39 -8.37
N ASN A 149 5.51 -15.24 -7.76
CA ASN A 149 6.01 -16.21 -6.78
C ASN A 149 7.11 -17.23 -7.14
N ILE A 150 8.10 -17.33 -6.25
CA ILE A 150 9.20 -18.28 -6.41
C ILE A 150 9.21 -19.34 -5.28
N VAL A 151 10.21 -20.22 -5.28
CA VAL A 151 10.36 -21.19 -4.17
C VAL A 151 11.83 -21.13 -3.81
N VAL A 152 12.18 -21.36 -2.54
CA VAL A 152 13.62 -21.38 -2.21
C VAL A 152 13.98 -22.85 -1.86
N TRP A 153 15.02 -23.37 -2.51
CA TRP A 153 15.42 -24.75 -2.28
C TRP A 153 16.76 -24.78 -1.57
N LEU A 154 16.86 -25.69 -0.61
CA LEU A 154 18.08 -25.85 0.15
C LEU A 154 18.69 -27.25 -0.19
N PRO A 155 19.61 -27.29 -1.17
CA PRO A 155 20.28 -28.53 -1.61
C PRO A 155 20.93 -29.38 -0.51
N THR A 156 21.37 -28.72 0.55
CA THR A 156 22.07 -29.42 1.62
C THR A 156 21.25 -29.76 2.83
N GLU A 157 19.95 -29.48 2.78
CA GLU A 157 19.01 -29.75 3.88
C GLU A 157 17.74 -30.40 3.30
N ASN A 158 17.68 -30.50 1.97
CA ASN A 158 16.52 -31.03 1.28
C ASN A 158 15.32 -30.34 1.88
N ILE A 159 15.45 -29.02 2.10
CA ILE A 159 14.31 -28.29 2.60
C ILE A 159 13.79 -27.27 1.59
N LEU A 160 12.49 -27.31 1.38
CA LEU A 160 11.85 -26.47 0.41
C LEU A 160 10.88 -25.46 1.02
N PHE A 161 11.13 -24.18 0.78
CA PHE A 161 10.22 -23.14 1.28
C PHE A 161 9.29 -22.80 0.11
N GLY A 162 8.08 -23.31 0.18
CA GLY A 162 7.20 -23.11 -0.95
C GLY A 162 6.41 -21.83 -1.04
N GLY A 163 6.22 -21.16 0.08
CA GLY A 163 5.44 -19.95 0.06
C GLY A 163 3.95 -20.26 -0.08
N CYS A 164 3.19 -19.22 -0.40
CA CYS A 164 1.75 -19.34 -0.54
C CYS A 164 1.26 -20.05 -1.79
N MET A 165 2.14 -20.53 -2.64
CA MET A 165 1.61 -21.29 -3.78
C MET A 165 1.27 -22.64 -3.18
N LEU A 166 1.85 -22.97 -2.03
CA LEU A 166 1.50 -24.24 -1.41
C LEU A 166 0.62 -24.05 -0.19
N LYS A 167 -0.49 -24.81 -0.13
CA LYS A 167 -1.43 -24.78 1.00
C LYS A 167 -1.11 -25.92 2.05
N ASP A 168 -1.50 -25.72 3.31
CA ASP A 168 -1.24 -26.73 4.34
C ASP A 168 -2.30 -27.81 4.36
N ASN A 169 -1.89 -29.00 4.81
CA ASN A 169 -2.75 -30.19 4.85
C ASN A 169 -4.13 -30.13 5.46
N GLN A 170 -4.44 -29.08 6.22
CA GLN A 170 -5.76 -28.95 6.81
C GLN A 170 -6.56 -27.87 6.07
N ALA A 171 -6.02 -27.35 4.97
CA ALA A 171 -6.77 -26.32 4.27
C ALA A 171 -7.69 -26.89 3.18
N THR A 172 -8.96 -26.48 3.26
CA THR A 172 -10.00 -26.89 2.35
C THR A 172 -10.34 -25.75 1.35
N SER A 173 -9.97 -24.53 1.74
CA SER A 173 -10.20 -23.31 0.96
C SER A 173 -9.01 -22.89 0.08
N ILE A 174 -9.31 -22.29 -1.06
CA ILE A 174 -8.25 -21.84 -1.94
C ILE A 174 -7.82 -20.50 -1.41
N GLY A 175 -8.72 -19.85 -0.69
CA GLY A 175 -8.41 -18.57 -0.09
C GLY A 175 -8.30 -17.34 -0.97
N ASN A 176 -7.30 -16.53 -0.66
CA ASN A 176 -6.98 -15.25 -1.33
C ASN A 176 -6.43 -15.27 -2.76
N ILE A 177 -7.33 -15.35 -3.76
CA ILE A 177 -6.91 -15.41 -5.17
C ILE A 177 -7.02 -14.10 -5.99
N SER A 178 -6.80 -12.97 -5.31
CA SER A 178 -6.89 -11.63 -5.90
C SER A 178 -5.79 -11.28 -6.94
N ASP A 179 -4.61 -11.85 -6.77
CA ASP A 179 -3.47 -11.61 -7.66
C ASP A 179 -3.05 -12.97 -8.22
N ALA A 180 -3.82 -14.00 -7.88
CA ALA A 180 -3.48 -15.34 -8.32
C ALA A 180 -3.48 -15.49 -9.85
N ASP A 181 -2.73 -16.48 -10.33
CA ASP A 181 -2.73 -16.82 -11.75
C ASP A 181 -3.23 -18.25 -11.80
N VAL A 182 -4.54 -18.42 -11.64
CA VAL A 182 -5.15 -19.72 -11.63
C VAL A 182 -4.89 -20.53 -12.91
N THR A 183 -4.74 -19.89 -14.05
CA THR A 183 -4.50 -20.65 -15.27
C THR A 183 -3.20 -21.46 -15.24
N ALA A 184 -2.20 -20.87 -14.60
CA ALA A 184 -0.88 -21.46 -14.48
C ALA A 184 -0.67 -22.33 -13.25
N TRP A 185 -1.33 -21.92 -12.16
CA TRP A 185 -1.13 -22.56 -10.89
C TRP A 185 -0.89 -24.07 -10.96
N PRO A 186 -1.80 -24.80 -11.63
CA PRO A 186 -1.70 -26.24 -11.78
C PRO A 186 -0.44 -26.75 -12.55
N LYS A 187 0.03 -26.00 -13.55
CA LYS A 187 1.22 -26.45 -14.29
C LYS A 187 2.46 -26.19 -13.44
N THR A 188 2.44 -25.09 -12.71
CA THR A 188 3.52 -24.73 -11.83
C THR A 188 3.73 -25.78 -10.69
N LEU A 189 2.65 -26.28 -10.07
CA LEU A 189 2.80 -27.27 -8.97
C LEU A 189 3.49 -28.56 -9.44
N ASP A 190 3.13 -29.01 -10.64
CA ASP A 190 3.74 -30.20 -11.24
C ASP A 190 5.27 -29.98 -11.36
N LYS A 191 5.67 -28.79 -11.79
CA LYS A 191 7.07 -28.50 -11.95
C LYS A 191 7.77 -28.52 -10.64
N VAL A 192 7.05 -28.23 -9.56
CA VAL A 192 7.63 -28.25 -8.22
C VAL A 192 7.85 -29.71 -7.75
N LYS A 193 6.86 -30.59 -7.98
CA LYS A 193 6.97 -31.98 -7.57
C LYS A 193 8.02 -32.74 -8.39
N ALA A 194 8.12 -32.37 -9.65
CA ALA A 194 9.09 -33.03 -10.49
C ALA A 194 10.50 -32.63 -10.08
N LYS A 195 10.70 -31.36 -9.71
CA LYS A 195 12.03 -30.89 -9.34
C LYS A 195 12.54 -31.28 -7.95
N PHE A 196 11.63 -31.53 -7.02
CA PHE A 196 12.04 -31.85 -5.67
C PHE A 196 11.36 -33.14 -5.14
N PRO A 197 11.68 -34.28 -5.76
CA PRO A 197 11.05 -35.49 -5.28
C PRO A 197 11.53 -35.85 -3.88
N SER A 198 12.80 -35.57 -3.62
CA SER A 198 13.40 -35.91 -2.35
C SER A 198 13.23 -34.93 -1.18
N ALA A 199 12.36 -33.92 -1.28
CA ALA A 199 12.29 -32.96 -0.17
C ALA A 199 11.91 -33.62 1.15
N ARG A 200 12.70 -33.37 2.18
CA ARG A 200 12.46 -33.89 3.50
C ARG A 200 11.39 -33.01 4.16
N TYR A 201 11.60 -31.70 4.19
CA TYR A 201 10.61 -30.76 4.72
C TYR A 201 10.06 -29.79 3.69
N VAL A 202 8.79 -29.46 3.82
CA VAL A 202 8.19 -28.50 2.93
C VAL A 202 7.34 -27.52 3.70
N VAL A 203 7.74 -26.26 3.66
CA VAL A 203 7.05 -25.23 4.40
C VAL A 203 6.22 -24.36 3.47
N PRO A 204 4.91 -24.18 3.78
CA PRO A 204 3.92 -23.37 3.04
C PRO A 204 3.89 -21.97 3.62
N GLY A 205 3.24 -21.04 2.91
CA GLY A 205 3.15 -19.66 3.34
C GLY A 205 2.32 -19.48 4.59
N HIS A 206 1.35 -20.39 4.81
CA HIS A 206 0.46 -20.34 6.00
C HIS A 206 0.16 -21.75 6.43
N GLY A 207 0.24 -21.99 7.72
CA GLY A 207 -0.04 -23.33 8.21
C GLY A 207 1.11 -24.23 8.58
N ASP A 208 0.78 -25.46 8.91
CA ASP A 208 1.75 -26.45 9.29
C ASP A 208 2.58 -26.93 8.12
N TYR A 209 3.83 -27.29 8.39
CA TYR A 209 4.73 -27.74 7.34
C TYR A 209 4.59 -29.25 7.20
N GLY A 210 5.38 -29.84 6.31
CA GLY A 210 5.29 -31.27 6.10
C GLY A 210 6.18 -31.77 4.99
N GLY A 211 5.70 -32.81 4.28
CA GLY A 211 6.45 -33.43 3.20
C GLY A 211 5.87 -33.11 1.83
N THR A 212 6.35 -33.82 0.81
CA THR A 212 5.92 -33.63 -0.58
C THR A 212 4.40 -33.72 -0.82
N GLU A 213 3.66 -34.23 0.16
CA GLU A 213 2.22 -34.36 -0.03
C GLU A 213 1.39 -33.03 -0.02
N LEU A 214 2.00 -31.92 0.38
CA LEU A 214 1.29 -30.64 0.36
C LEU A 214 1.20 -30.23 -1.12
N ILE A 215 2.13 -30.72 -1.94
CA ILE A 215 2.08 -30.35 -3.33
C ILE A 215 0.82 -30.95 -3.92
N GLU A 216 0.59 -32.24 -3.69
CA GLU A 216 -0.61 -32.91 -4.22
C GLU A 216 -1.90 -32.38 -3.60
N HIS A 217 -1.87 -32.12 -2.29
CA HIS A 217 -3.05 -31.60 -1.63
C HIS A 217 -3.47 -30.31 -2.28
N THR A 218 -2.49 -29.46 -2.60
CA THR A 218 -2.76 -28.17 -3.23
C THR A 218 -3.18 -28.30 -4.67
N LYS A 219 -2.57 -29.21 -5.42
CA LYS A 219 -2.96 -29.40 -6.80
C LYS A 219 -4.46 -29.70 -6.88
N GLN A 220 -4.99 -30.34 -5.85
CA GLN A 220 -6.40 -30.70 -5.79
C GLN A 220 -7.37 -29.58 -5.37
N ILE A 221 -7.00 -28.81 -4.35
CA ILE A 221 -7.80 -27.69 -3.89
C ILE A 221 -8.01 -26.74 -5.07
N VAL A 222 -6.99 -26.63 -5.90
CA VAL A 222 -7.01 -25.72 -7.04
C VAL A 222 -7.82 -26.32 -8.17
N ASN A 223 -7.44 -27.50 -8.65
CA ASN A 223 -8.21 -28.13 -9.73
C ASN A 223 -9.69 -28.05 -9.39
N GLN A 224 -10.01 -28.34 -8.13
CA GLN A 224 -11.39 -28.29 -7.67
C GLN A 224 -11.98 -26.90 -7.92
N TYR A 225 -11.24 -25.87 -7.53
CA TYR A 225 -11.71 -24.52 -7.74
C TYR A 225 -11.91 -24.22 -9.24
N ILE A 226 -11.02 -24.71 -10.11
CA ILE A 226 -11.18 -24.43 -11.54
C ILE A 226 -12.49 -25.02 -12.03
N GLU A 227 -12.80 -26.23 -11.58
CA GLU A 227 -14.06 -26.85 -11.97
C GLU A 227 -15.30 -26.25 -11.26
N SER A 228 -15.28 -26.13 -9.93
CA SER A 228 -16.42 -25.61 -9.18
C SER A 228 -16.89 -24.23 -9.59
N THR A 229 -16.13 -23.54 -10.43
CA THR A 229 -16.53 -22.21 -10.82
C THR A 229 -16.70 -22.08 -12.33
N SER A 230 -15.91 -22.86 -13.07
CA SER A 230 -15.94 -22.88 -14.54
C SER A 230 -17.36 -22.77 -15.12
N SER B 4 -0.02 6.16 -15.01
CA SER B 4 -0.09 7.57 -15.52
C SER B 4 -0.56 7.63 -16.96
N VAL B 5 -1.56 8.48 -17.23
CA VAL B 5 -2.12 8.62 -18.59
C VAL B 5 -2.99 9.89 -18.74
N LYS B 6 -3.13 10.38 -19.96
CA LYS B 6 -3.94 11.59 -20.19
C LYS B 6 -5.35 11.19 -20.67
N ILE B 7 -6.40 11.78 -20.10
CA ILE B 7 -7.74 11.42 -20.55
C ILE B 7 -8.35 12.51 -21.42
N SER B 8 -7.72 13.68 -21.43
CA SER B 8 -8.14 14.81 -22.25
C SER B 8 -7.05 15.88 -22.25
N ASP B 9 -7.29 16.97 -22.97
CA ASP B 9 -6.33 18.04 -23.05
C ASP B 9 -5.97 18.51 -21.67
N ASP B 10 -7.01 18.70 -20.86
CA ASP B 10 -6.79 19.21 -19.53
C ASP B 10 -6.72 18.25 -18.33
N ILE B 11 -7.00 16.96 -18.52
CA ILE B 11 -6.96 16.05 -17.39
C ILE B 11 -6.01 14.86 -17.53
N SER B 12 -5.24 14.61 -16.48
CA SER B 12 -4.28 13.51 -16.43
C SER B 12 -4.47 12.62 -15.20
N ILE B 13 -4.26 11.31 -15.37
CA ILE B 13 -4.43 10.35 -14.28
C ILE B 13 -3.17 9.55 -13.92
N THR B 14 -2.91 9.42 -12.62
CA THR B 14 -1.77 8.64 -12.17
C THR B 14 -2.20 7.67 -11.06
N GLN B 15 -1.80 6.41 -11.25
CA GLN B 15 -2.21 5.36 -10.32
C GLN B 15 -1.20 5.12 -9.22
N LEU B 16 -1.66 5.23 -7.97
CA LEU B 16 -0.77 5.07 -6.81
C LEU B 16 -0.68 3.63 -6.32
N SER B 17 -1.84 2.98 -6.26
CA SER B 17 -1.99 1.58 -5.86
C SER B 17 -3.21 1.12 -6.65
N ASP B 18 -3.75 -0.07 -6.33
CA ASP B 18 -4.92 -0.61 -7.02
C ASP B 18 -6.24 0.07 -6.69
N LYS B 19 -6.29 0.78 -5.58
CA LYS B 19 -7.56 1.38 -5.21
C LYS B 19 -7.56 2.92 -5.25
N VAL B 20 -6.39 3.48 -5.54
CA VAL B 20 -6.26 4.92 -5.57
C VAL B 20 -5.52 5.47 -6.80
N TYR B 21 -6.15 6.45 -7.44
CA TYR B 21 -5.57 7.13 -8.60
C TYR B 21 -5.56 8.58 -8.20
N THR B 22 -4.59 9.37 -8.63
CA THR B 22 -4.62 10.79 -8.30
C THR B 22 -4.76 11.50 -9.66
N TYR B 23 -5.55 12.57 -9.72
CA TYR B 23 -5.71 13.28 -11.00
C TYR B 23 -5.28 14.74 -10.97
N VAL B 24 -4.92 15.27 -12.14
CA VAL B 24 -4.55 16.67 -12.23
C VAL B 24 -5.34 17.30 -13.37
N SER B 25 -6.05 18.37 -13.11
CA SER B 25 -6.78 18.99 -14.20
C SER B 25 -6.23 20.42 -14.35
N LEU B 26 -5.92 20.85 -15.56
CA LEU B 26 -5.36 22.19 -15.70
C LEU B 26 -6.51 23.09 -16.11
N ALA B 27 -6.69 24.22 -15.42
CA ALA B 27 -7.75 25.17 -15.77
C ALA B 27 -7.42 26.67 -15.51
N GLU B 28 -8.23 27.57 -16.08
CA GLU B 28 -8.02 29.03 -15.89
C GLU B 28 -8.69 29.59 -14.61
N ILE B 29 -7.95 30.38 -13.84
CA ILE B 29 -8.48 30.98 -12.61
C ILE B 29 -8.17 32.50 -12.60
N GLU B 30 -9.23 33.32 -12.51
CA GLU B 30 -9.07 34.77 -12.53
C GLU B 30 -7.99 35.26 -11.57
N GLY B 31 -6.84 35.61 -12.15
CA GLY B 31 -5.74 36.16 -11.38
C GLY B 31 -4.51 35.29 -11.27
N TRP B 32 -4.62 34.03 -11.69
CA TRP B 32 -3.50 33.10 -11.61
C TRP B 32 -3.12 32.51 -12.95
N GLY B 33 -4.05 32.53 -13.89
CA GLY B 33 -3.77 32.01 -15.21
C GLY B 33 -3.98 30.53 -15.29
N MET B 34 -3.02 29.81 -15.86
CA MET B 34 -3.10 28.35 -16.00
C MET B 34 -2.56 27.60 -14.78
N VAL B 35 -3.43 27.32 -13.81
CA VAL B 35 -3.01 26.61 -12.61
C VAL B 35 -3.52 25.17 -12.58
N PRO B 36 -2.62 24.19 -12.44
CA PRO B 36 -3.08 22.81 -12.39
C PRO B 36 -3.52 22.46 -10.92
N SER B 37 -4.69 21.81 -10.80
CA SER B 37 -5.32 21.40 -9.52
C SER B 37 -5.47 19.89 -9.36
N ASN B 38 -5.15 19.39 -8.16
CA ASN B 38 -5.23 17.95 -7.87
C ASN B 38 -6.46 17.46 -7.12
N GLY B 39 -6.90 16.24 -7.45
CA GLY B 39 -8.01 15.57 -6.80
C GLY B 39 -7.68 14.06 -6.65
N MET B 40 -8.53 13.28 -5.99
CA MET B 40 -8.25 11.85 -5.84
C MET B 40 -9.42 10.96 -6.12
N ILE B 41 -9.15 9.81 -6.76
CA ILE B 41 -10.20 8.84 -7.02
C ILE B 41 -9.85 7.54 -6.26
N VAL B 42 -10.76 7.14 -5.36
CA VAL B 42 -10.61 5.91 -4.56
C VAL B 42 -11.71 4.97 -5.06
N ILE B 43 -11.30 3.74 -5.39
CA ILE B 43 -12.20 2.71 -5.94
C ILE B 43 -12.44 1.51 -5.01
N ASN B 44 -13.63 0.88 -5.12
CA ASN B 44 -13.94 -0.27 -4.28
C ASN B 44 -15.29 -0.89 -4.57
N ASN B 45 -15.24 -2.18 -4.91
CA ASN B 45 -16.42 -2.98 -5.26
C ASN B 45 -17.33 -2.21 -6.20
N HIS B 46 -16.72 -1.70 -7.26
CA HIS B 46 -17.37 -0.97 -8.33
C HIS B 46 -17.95 0.38 -7.95
N GLN B 47 -17.50 0.89 -6.83
CA GLN B 47 -17.93 2.18 -6.36
C GLN B 47 -16.68 3.04 -6.30
N ALA B 48 -16.85 4.34 -6.15
CA ALA B 48 -15.70 5.25 -6.11
C ALA B 48 -15.97 6.56 -5.38
N ALA B 49 -14.99 6.99 -4.58
CA ALA B 49 -15.06 8.27 -3.87
C ALA B 49 -14.24 9.23 -4.68
N LEU B 50 -14.67 10.47 -4.72
CA LEU B 50 -13.95 11.48 -5.43
C LEU B 50 -13.64 12.51 -4.34
N LEU B 51 -12.36 12.80 -4.19
CA LEU B 51 -11.87 13.74 -3.19
C LEU B 51 -11.46 14.96 -4.04
N ASP B 52 -12.27 16.04 -3.97
CA ASP B 52 -12.08 17.27 -4.77
C ASP B 52 -12.49 17.09 -6.25
N THR B 53 -12.95 18.18 -6.88
CA THR B 53 -13.39 18.19 -8.28
C THR B 53 -12.57 19.12 -9.13
N PRO B 54 -12.69 19.04 -10.48
CA PRO B 54 -11.96 19.97 -11.39
C PRO B 54 -12.72 21.33 -11.17
N ILE B 55 -12.20 22.49 -11.59
CA ILE B 55 -12.93 23.76 -11.28
C ILE B 55 -14.31 24.05 -11.79
N ASN B 56 -14.83 23.20 -12.66
CA ASN B 56 -16.16 23.37 -13.21
C ASN B 56 -16.82 22.06 -13.59
N ASP B 57 -18.08 22.19 -14.00
CA ASP B 57 -18.94 21.08 -14.42
C ASP B 57 -18.50 20.26 -15.66
N ALA B 58 -17.92 20.89 -16.68
CA ALA B 58 -17.52 20.19 -17.94
C ALA B 58 -16.42 19.20 -17.73
N GLN B 59 -15.44 19.61 -16.94
CA GLN B 59 -14.31 18.76 -16.62
C GLN B 59 -14.78 17.64 -15.66
N THR B 60 -15.57 18.03 -14.67
CA THR B 60 -16.10 17.05 -13.74
C THR B 60 -16.89 15.97 -14.48
N GLU B 61 -17.66 16.36 -15.49
CA GLU B 61 -18.38 15.36 -16.25
C GLU B 61 -17.35 14.41 -16.88
N MET B 62 -16.29 14.95 -17.47
CA MET B 62 -15.26 14.11 -18.10
C MET B 62 -14.71 13.09 -17.12
N LEU B 63 -14.07 13.59 -16.08
CA LEU B 63 -13.49 12.75 -15.06
C LEU B 63 -14.43 11.56 -14.74
N VAL B 64 -15.69 11.86 -14.38
CA VAL B 64 -16.69 10.88 -14.01
C VAL B 64 -17.03 9.84 -15.07
N ASN B 65 -17.26 10.26 -16.31
CA ASN B 65 -17.58 9.29 -17.35
C ASN B 65 -16.41 8.35 -17.65
N TRP B 66 -15.20 8.83 -17.47
CA TRP B 66 -14.01 8.04 -17.70
C TRP B 66 -13.87 6.98 -16.62
N VAL B 67 -14.21 7.32 -15.38
CA VAL B 67 -14.09 6.38 -14.25
C VAL B 67 -15.02 5.19 -14.42
N THR B 68 -16.16 5.45 -15.04
CA THR B 68 -17.12 4.41 -15.27
C THR B 68 -16.70 3.62 -16.49
N ASP B 69 -16.22 4.25 -17.54
CA ASP B 69 -15.81 3.53 -18.73
C ASP B 69 -14.51 2.69 -18.60
N SER B 70 -13.48 3.25 -17.98
CA SER B 70 -12.19 2.55 -17.85
C SER B 70 -12.12 1.75 -16.58
N LEU B 71 -12.41 2.40 -15.47
CA LEU B 71 -12.37 1.73 -14.17
C LEU B 71 -13.68 1.02 -13.88
N HIS B 72 -14.64 1.06 -14.79
CA HIS B 72 -15.91 0.40 -14.54
C HIS B 72 -16.43 0.57 -13.10
N ALA B 73 -16.45 1.80 -12.62
CA ALA B 73 -16.92 2.05 -11.28
C ALA B 73 -17.89 3.19 -11.38
N LYS B 74 -18.77 3.30 -10.39
CA LYS B 74 -19.75 4.38 -10.36
C LYS B 74 -19.33 5.31 -9.21
N VAL B 75 -19.39 6.61 -9.46
CA VAL B 75 -19.07 7.59 -8.43
C VAL B 75 -20.29 7.77 -7.56
N THR B 76 -20.15 7.41 -6.28
CA THR B 76 -21.25 7.54 -5.31
C THR B 76 -20.95 8.53 -4.17
N THR B 77 -19.67 8.68 -3.84
CA THR B 77 -19.21 9.52 -2.75
C THR B 77 -18.31 10.69 -3.16
N PHE B 78 -18.48 11.79 -2.47
CA PHE B 78 -17.73 13.02 -2.69
C PHE B 78 -17.41 13.73 -1.37
N ILE B 79 -16.13 14.06 -1.20
CA ILE B 79 -15.60 14.79 -0.03
C ILE B 79 -14.73 15.99 -0.52
N PRO B 80 -15.16 17.28 -0.30
CA PRO B 80 -14.33 18.44 -0.75
C PRO B 80 -13.36 18.82 0.37
N ASN B 81 -12.13 19.23 0.01
CA ASN B 81 -11.09 19.62 0.98
C ASN B 81 -11.47 20.89 1.78
N HIS B 82 -12.13 21.85 1.13
CA HIS B 82 -12.63 23.05 1.79
C HIS B 82 -13.46 23.75 0.73
N TRP B 83 -14.03 24.91 1.09
CA TRP B 83 -14.96 25.65 0.24
C TRP B 83 -14.55 26.23 -1.11
N HIS B 84 -13.26 26.37 -1.39
CA HIS B 84 -12.78 26.91 -2.69
C HIS B 84 -13.14 26.08 -3.96
N GLY B 85 -13.10 26.77 -5.10
CA GLY B 85 -13.47 26.21 -6.39
C GLY B 85 -12.62 25.12 -6.99
N ASP B 86 -11.37 25.00 -6.56
CA ASP B 86 -10.57 23.90 -7.08
C ASP B 86 -10.82 22.67 -6.17
N CYS B 87 -11.94 22.72 -5.42
CA CYS B 87 -12.40 21.63 -4.54
C CYS B 87 -13.86 21.29 -4.91
N ILE B 88 -14.77 22.27 -4.75
CA ILE B 88 -16.20 22.08 -5.06
C ILE B 88 -16.67 22.65 -6.38
N GLY B 89 -15.70 22.99 -7.26
CA GLY B 89 -16.02 23.56 -8.55
C GLY B 89 -17.14 22.85 -9.30
N GLY B 90 -17.10 21.51 -9.34
CA GLY B 90 -18.10 20.71 -10.05
C GLY B 90 -19.20 20.00 -9.23
N LEU B 91 -19.20 20.19 -7.91
CA LEU B 91 -20.18 19.57 -7.05
C LEU B 91 -21.63 19.71 -7.49
N GLY B 92 -21.93 20.80 -8.19
CA GLY B 92 -23.29 21.03 -8.65
C GLY B 92 -23.72 19.92 -9.60
N TYR B 93 -22.79 19.56 -10.48
CA TYR B 93 -23.04 18.50 -11.46
C TYR B 93 -23.28 17.14 -10.76
N LEU B 94 -22.53 16.91 -9.69
CA LEU B 94 -22.62 15.68 -8.92
C LEU B 94 -23.89 15.55 -8.09
N GLN B 95 -24.55 16.67 -7.79
CA GLN B 95 -25.81 16.60 -7.04
C GLN B 95 -26.94 16.18 -8.00
N ARG B 96 -26.85 16.68 -9.24
CA ARG B 96 -27.80 16.32 -10.30
C ARG B 96 -27.73 14.82 -10.49
N LYS B 97 -26.54 14.22 -10.34
CA LYS B 97 -26.38 12.78 -10.54
C LYS B 97 -26.49 11.89 -9.29
N GLY B 98 -26.95 12.49 -8.19
CA GLY B 98 -27.15 11.72 -6.97
C GLY B 98 -26.03 11.32 -6.05
N VAL B 99 -24.84 11.93 -6.22
CA VAL B 99 -23.66 11.62 -5.40
C VAL B 99 -23.87 12.12 -3.97
N GLN B 100 -23.52 11.30 -2.97
CA GLN B 100 -23.61 11.71 -1.56
C GLN B 100 -22.33 12.49 -1.21
N SER B 101 -22.44 13.73 -0.76
CA SER B 101 -21.21 14.50 -0.48
C SER B 101 -21.03 14.74 1.03
N TYR B 102 -19.82 14.59 1.53
CA TYR B 102 -19.61 14.73 2.97
C TYR B 102 -18.58 15.82 3.15
N ALA B 103 -18.70 16.58 4.24
CA ALA B 103 -17.76 17.69 4.46
C ALA B 103 -17.75 18.32 5.85
N ASN B 104 -16.66 19.02 6.11
CA ASN B 104 -16.49 19.71 7.37
C ASN B 104 -17.68 20.64 7.53
N GLN B 105 -18.35 20.62 8.67
CA GLN B 105 -19.48 21.51 8.89
C GLN B 105 -19.09 22.99 8.54
N MET B 106 -17.84 23.39 8.84
CA MET B 106 -17.35 24.74 8.50
C MET B 106 -17.43 25.00 6.99
N THR B 107 -17.06 24.01 6.20
CA THR B 107 -17.16 24.13 4.77
C THR B 107 -18.63 24.43 4.36
N ILE B 108 -19.56 23.75 5.02
CA ILE B 108 -20.97 23.89 4.73
C ILE B 108 -21.52 25.23 5.16
N ASP B 109 -21.07 25.73 6.31
CA ASP B 109 -21.55 27.01 6.78
C ASP B 109 -21.14 28.04 5.71
N LEU B 110 -19.85 28.02 5.36
CA LEU B 110 -19.30 28.92 4.36
C LEU B 110 -19.94 28.89 2.97
N ALA B 111 -20.05 27.69 2.39
CA ALA B 111 -20.65 27.48 1.07
C ALA B 111 -22.08 28.02 0.96
N LYS B 112 -22.81 27.92 2.07
CA LYS B 112 -24.19 28.35 2.13
C LYS B 112 -24.35 29.86 2.08
N GLU B 113 -23.43 30.57 2.73
CA GLU B 113 -23.51 32.05 2.74
C GLU B 113 -22.90 32.71 1.51
N LYS B 114 -22.12 31.94 0.74
CA LYS B 114 -21.54 32.44 -0.50
C LYS B 114 -22.36 31.93 -1.69
N GLY B 115 -23.57 31.44 -1.43
CA GLY B 115 -24.42 30.94 -2.49
C GLY B 115 -23.88 29.78 -3.33
N LEU B 116 -23.03 28.94 -2.75
CA LEU B 116 -22.45 27.82 -3.52
C LEU B 116 -23.19 26.55 -3.15
N PRO B 117 -23.22 25.53 -4.05
CA PRO B 117 -23.91 24.25 -3.79
C PRO B 117 -23.44 23.70 -2.45
N VAL B 118 -24.37 23.15 -1.66
CA VAL B 118 -24.04 22.66 -0.31
C VAL B 118 -23.97 21.14 -0.08
N PRO B 119 -22.81 20.59 0.41
CA PRO B 119 -22.69 19.15 0.69
C PRO B 119 -23.74 18.81 1.76
N GLU B 120 -24.44 17.68 1.62
CA GLU B 120 -25.52 17.41 2.57
C GLU B 120 -25.25 16.63 3.83
N HIS B 121 -24.01 16.20 4.02
CA HIS B 121 -23.66 15.47 5.25
C HIS B 121 -22.42 16.16 5.78
N GLY B 122 -22.44 16.50 7.06
CA GLY B 122 -21.28 17.17 7.63
C GLY B 122 -20.82 16.57 8.95
N PHE B 123 -19.68 17.02 9.42
CA PHE B 123 -19.13 16.53 10.66
C PHE B 123 -18.33 17.68 11.29
N THR B 124 -17.99 17.58 12.56
CA THR B 124 -17.27 18.67 13.18
C THR B 124 -15.81 18.27 13.47
N ASP B 125 -15.60 17.33 14.35
CA ASP B 125 -14.28 16.88 14.71
C ASP B 125 -13.82 16.01 13.54
N SER B 126 -14.28 14.76 13.51
CA SER B 126 -13.92 13.89 12.40
C SER B 126 -15.06 12.95 12.04
N LEU B 127 -14.87 12.23 10.95
CA LEU B 127 -15.87 11.30 10.46
C LEU B 127 -15.20 10.30 9.56
N THR B 128 -15.64 9.05 9.62
CA THR B 128 -15.09 8.01 8.76
C THR B 128 -16.16 7.68 7.73
N VAL B 129 -15.83 7.63 6.46
CA VAL B 129 -16.86 7.35 5.47
C VAL B 129 -16.50 5.98 4.89
N SER B 130 -17.51 5.12 4.72
CA SER B 130 -17.26 3.79 4.18
C SER B 130 -17.57 3.69 2.66
N LEU B 131 -16.56 3.27 1.88
CA LEU B 131 -16.78 3.10 0.44
C LEU B 131 -16.99 1.60 0.37
N ASP B 132 -18.26 1.21 0.63
CA ASP B 132 -18.67 -0.19 0.65
C ASP B 132 -17.60 -1.04 1.35
N GLY B 133 -17.37 -0.76 2.62
CA GLY B 133 -16.36 -1.53 3.31
C GLY B 133 -15.00 -0.87 3.44
N MET B 134 -14.55 -0.07 2.45
CA MET B 134 -13.22 0.59 2.55
C MET B 134 -13.30 1.93 3.26
N PRO B 135 -12.57 2.07 4.38
CA PRO B 135 -12.55 3.29 5.20
C PRO B 135 -11.82 4.54 4.70
N LEU B 136 -12.48 5.69 4.81
CA LEU B 136 -11.92 7.02 4.45
C LEU B 136 -12.04 7.89 5.72
N GLN B 137 -10.91 8.19 6.34
CA GLN B 137 -10.90 9.00 7.54
C GLN B 137 -10.63 10.50 7.31
N CYS B 138 -11.70 11.28 7.49
CA CYS B 138 -11.74 12.73 7.32
C CYS B 138 -11.49 13.42 8.66
N TYR B 139 -10.39 14.15 8.76
CA TYR B 139 -10.10 14.84 10.02
C TYR B 139 -10.07 16.33 9.85
N TYR B 140 -10.59 17.04 10.84
CA TYR B 140 -10.54 18.51 10.85
C TYR B 140 -9.55 18.81 11.95
N LEU B 141 -8.26 19.00 11.61
CA LEU B 141 -7.24 19.22 12.60
C LEU B 141 -6.91 20.69 12.93
N GLY B 142 -7.69 21.63 12.38
CA GLY B 142 -7.49 23.08 12.57
C GLY B 142 -7.26 23.93 11.29
N GLY B 143 -7.01 25.23 11.44
CA GLY B 143 -6.77 26.09 10.29
C GLY B 143 -5.40 26.07 9.63
N GLY B 144 -5.37 26.35 8.32
CA GLY B 144 -4.14 26.38 7.54
C GLY B 144 -4.36 27.24 6.30
N HIS B 145 -4.33 26.63 5.11
CA HIS B 145 -4.56 27.36 3.84
C HIS B 145 -5.93 28.07 3.89
N ALA B 146 -6.93 27.36 4.41
CA ALA B 146 -8.30 27.86 4.54
C ALA B 146 -8.68 27.58 5.98
N THR B 147 -9.74 28.20 6.46
CA THR B 147 -10.17 28.00 7.83
C THR B 147 -10.92 26.66 8.02
N ASP B 148 -11.50 26.19 6.94
CA ASP B 148 -12.27 24.98 6.97
C ASP B 148 -11.60 23.70 6.45
N ASN B 149 -10.36 23.82 5.98
CA ASN B 149 -9.68 22.69 5.40
C ASN B 149 -9.45 21.44 6.28
N ILE B 150 -9.54 20.29 5.60
CA ILE B 150 -9.40 18.99 6.21
C ILE B 150 -8.32 18.18 5.52
N VAL B 151 -8.12 16.94 5.99
CA VAL B 151 -7.18 16.01 5.37
C VAL B 151 -7.91 14.67 5.30
N VAL B 152 -7.61 13.87 4.29
CA VAL B 152 -8.27 12.58 4.23
C VAL B 152 -7.23 11.48 4.28
N TRP B 153 -7.38 10.60 5.26
CA TRP B 153 -6.43 9.51 5.45
C TRP B 153 -7.03 8.19 5.02
N LEU B 154 -6.24 7.38 4.35
CA LEU B 154 -6.75 6.09 3.93
C LEU B 154 -5.88 5.08 4.65
N PRO B 155 -6.37 4.56 5.78
CA PRO B 155 -5.78 3.59 6.69
C PRO B 155 -5.24 2.32 5.98
N THR B 156 -5.97 1.85 4.98
CA THR B 156 -5.60 0.62 4.29
C THR B 156 -4.59 0.82 3.19
N GLU B 157 -4.37 2.07 2.82
CA GLU B 157 -3.49 2.39 1.73
C GLU B 157 -2.29 3.18 2.18
N ASN B 158 -2.37 3.83 3.33
CA ASN B 158 -1.25 4.65 3.80
C ASN B 158 -1.05 5.76 2.78
N ILE B 159 -2.16 6.41 2.46
CA ILE B 159 -2.15 7.48 1.53
C ILE B 159 -2.95 8.61 2.15
N LEU B 160 -2.25 9.72 2.34
CA LEU B 160 -2.81 10.92 2.90
C LEU B 160 -3.05 11.94 1.78
N PHE B 161 -4.21 12.61 1.84
CA PHE B 161 -4.53 13.65 0.86
C PHE B 161 -4.68 14.92 1.71
N GLY B 162 -3.64 15.75 1.77
CA GLY B 162 -3.69 16.93 2.61
C GLY B 162 -4.39 18.17 2.08
N GLY B 163 -4.55 18.26 0.76
CA GLY B 163 -5.20 19.41 0.17
C GLY B 163 -4.25 20.55 -0.01
N CYS B 164 -4.80 21.76 0.03
CA CYS B 164 -4.00 22.94 -0.16
C CYS B 164 -3.20 23.43 1.02
N MET B 165 -3.43 22.85 2.18
CA MET B 165 -2.68 23.25 3.35
C MET B 165 -1.26 22.67 3.22
N LEU B 166 -1.05 21.85 2.19
CA LEU B 166 0.25 21.23 1.94
C LEU B 166 0.73 21.58 0.53
N LYS B 167 2.01 21.94 0.40
CA LYS B 167 2.62 22.30 -0.89
C LYS B 167 3.60 21.23 -1.26
N ASP B 168 3.94 21.12 -2.55
CA ASP B 168 4.88 20.10 -2.95
C ASP B 168 6.32 20.48 -2.61
N ASN B 169 7.25 19.56 -2.78
CA ASN B 169 8.63 19.85 -2.46
C ASN B 169 9.33 20.92 -3.20
N GLN B 170 9.09 21.07 -4.48
CA GLN B 170 9.77 22.13 -5.20
C GLN B 170 8.92 23.39 -5.23
N ALA B 171 8.27 23.75 -4.13
CA ALA B 171 7.45 24.97 -4.08
C ALA B 171 8.14 26.01 -3.24
N THR B 172 8.04 27.27 -3.66
CA THR B 172 8.72 28.36 -2.95
C THR B 172 7.75 29.44 -2.58
N SER B 173 6.52 29.29 -3.08
CA SER B 173 5.46 30.26 -2.86
C SER B 173 4.52 29.65 -1.88
N ILE B 174 3.96 30.47 -1.00
CA ILE B 174 3.01 29.97 -0.03
C ILE B 174 1.62 30.01 -0.68
N GLY B 175 1.51 30.79 -1.76
CA GLY B 175 0.24 30.86 -2.48
C GLY B 175 -0.86 31.81 -2.06
N ASN B 176 -2.06 31.53 -2.57
CA ASN B 176 -3.26 32.32 -2.28
C ASN B 176 -3.70 32.30 -0.81
N ILE B 177 -3.46 33.37 -0.06
CA ILE B 177 -3.85 33.40 1.34
C ILE B 177 -5.08 34.23 1.66
N SER B 178 -5.85 34.51 0.63
CA SER B 178 -7.04 35.24 0.85
C SER B 178 -7.81 34.77 2.08
N ASP B 179 -7.86 33.46 2.30
CA ASP B 179 -8.62 32.94 3.43
C ASP B 179 -7.82 32.25 4.52
N ALA B 180 -6.50 32.18 4.35
CA ALA B 180 -5.66 31.46 5.33
C ALA B 180 -5.64 32.00 6.74
N ASP B 181 -5.28 31.12 7.67
CA ASP B 181 -5.09 31.48 9.08
C ASP B 181 -3.64 31.07 9.23
N VAL B 182 -2.75 31.99 8.85
CA VAL B 182 -1.32 31.82 8.87
C VAL B 182 -0.80 31.55 10.25
N THR B 183 -1.51 32.04 11.24
CA THR B 183 -1.14 31.83 12.64
C THR B 183 -1.29 30.36 13.06
N ALA B 184 -2.47 29.81 12.78
CA ALA B 184 -2.85 28.43 13.08
C ALA B 184 -2.05 27.40 12.30
N TRP B 185 -1.96 27.66 11.00
CA TRP B 185 -1.28 26.79 10.06
C TRP B 185 -0.11 25.91 10.53
N PRO B 186 0.90 26.47 11.22
CA PRO B 186 2.04 25.66 11.68
C PRO B 186 1.72 24.64 12.80
N LYS B 187 0.75 24.96 13.62
CA LYS B 187 0.36 24.07 14.69
C LYS B 187 -0.53 22.95 14.11
N THR B 188 -1.16 23.24 12.97
CA THR B 188 -2.02 22.30 12.26
C THR B 188 -1.12 21.28 11.50
N LEU B 189 -0.01 21.75 10.97
CA LEU B 189 0.90 20.85 10.30
C LEU B 189 1.61 20.05 11.37
N ASP B 190 1.69 20.58 12.59
CA ASP B 190 2.31 19.79 13.64
C ASP B 190 1.43 18.60 13.97
N LYS B 191 0.13 18.85 14.07
CA LYS B 191 -0.81 17.79 14.36
C LYS B 191 -0.83 16.77 13.22
N VAL B 192 -0.73 17.23 11.98
CA VAL B 192 -0.75 16.33 10.84
C VAL B 192 0.43 15.39 10.83
N LYS B 193 1.58 15.96 11.19
CA LYS B 193 2.84 15.22 11.27
C LYS B 193 2.72 14.10 12.31
N ALA B 194 2.02 14.38 13.41
CA ALA B 194 1.83 13.45 14.52
C ALA B 194 0.88 12.27 14.27
N LYS B 195 -0.24 12.51 13.58
CA LYS B 195 -1.18 11.43 13.32
C LYS B 195 -0.87 10.52 12.11
N PHE B 196 -0.10 10.98 11.14
CA PHE B 196 0.12 10.12 10.01
C PHE B 196 1.57 9.79 9.71
N PRO B 197 2.32 9.38 10.73
CA PRO B 197 3.74 9.06 10.51
C PRO B 197 3.97 8.00 9.41
N SER B 198 3.00 7.11 9.18
CA SER B 198 3.19 6.04 8.17
C SER B 198 2.72 6.30 6.75
N ALA B 199 2.63 7.56 6.31
CA ALA B 199 2.17 7.83 4.94
C ALA B 199 3.12 7.30 3.89
N ARG B 200 2.59 6.66 2.86
CA ARG B 200 3.45 6.12 1.79
C ARG B 200 3.52 7.26 0.80
N TYR B 201 2.38 7.90 0.62
CA TYR B 201 2.23 9.02 -0.30
C TYR B 201 1.44 10.13 0.38
N VAL B 202 1.93 11.36 0.27
CA VAL B 202 1.22 12.51 0.81
C VAL B 202 0.91 13.28 -0.48
N VAL B 203 -0.36 13.58 -0.74
CA VAL B 203 -0.74 14.32 -1.96
C VAL B 203 -1.24 15.78 -1.69
N PRO B 204 -0.51 16.79 -2.22
CA PRO B 204 -0.85 18.22 -2.04
C PRO B 204 -1.96 18.68 -2.98
N GLY B 205 -2.48 19.90 -2.74
CA GLY B 205 -3.53 20.44 -3.62
C GLY B 205 -3.10 20.89 -5.04
N HIS B 206 -1.83 21.28 -5.17
CA HIS B 206 -1.26 21.74 -6.43
C HIS B 206 0.13 21.21 -6.45
N GLY B 207 0.58 20.67 -7.57
CA GLY B 207 1.96 20.17 -7.59
C GLY B 207 2.11 18.67 -7.56
N ASP B 208 3.33 18.19 -7.35
CA ASP B 208 3.53 16.74 -7.31
C ASP B 208 3.33 16.16 -5.93
N TYR B 209 3.05 14.88 -5.91
CA TYR B 209 2.88 14.15 -4.67
C TYR B 209 4.26 13.61 -4.28
N GLY B 210 4.38 13.18 -3.02
CA GLY B 210 5.62 12.64 -2.49
C GLY B 210 5.36 11.97 -1.15
N GLY B 211 6.31 12.06 -0.24
CA GLY B 211 6.21 11.45 1.07
C GLY B 211 5.93 12.44 2.19
N THR B 212 6.27 12.08 3.43
CA THR B 212 6.03 12.96 4.57
C THR B 212 6.94 14.15 4.60
N GLU B 213 7.92 14.18 3.69
CA GLU B 213 8.84 15.31 3.64
C GLU B 213 8.08 16.62 3.22
N LEU B 214 6.98 16.47 2.46
CA LEU B 214 6.19 17.63 2.05
C LEU B 214 5.63 18.37 3.24
N ILE B 215 5.39 17.67 4.37
CA ILE B 215 4.83 18.33 5.55
C ILE B 215 5.87 19.22 6.20
N GLU B 216 7.09 18.70 6.35
CA GLU B 216 8.16 19.50 6.93
C GLU B 216 8.52 20.64 5.96
N HIS B 217 8.47 20.35 4.66
CA HIS B 217 8.74 21.38 3.67
C HIS B 217 7.74 22.55 3.71
N THR B 218 6.43 22.23 3.73
CA THR B 218 5.37 23.24 3.81
C THR B 218 5.49 24.06 5.08
N LYS B 219 5.95 23.45 6.16
CA LYS B 219 6.11 24.18 7.39
C LYS B 219 7.28 25.15 7.24
N GLN B 220 8.31 24.78 6.47
CA GLN B 220 9.45 25.69 6.27
C GLN B 220 8.91 26.94 5.57
N ILE B 221 8.22 26.74 4.46
CA ILE B 221 7.62 27.83 3.74
C ILE B 221 6.71 28.73 4.61
N VAL B 222 5.75 28.15 5.30
CA VAL B 222 4.82 28.96 6.11
C VAL B 222 5.53 29.85 7.15
N ASN B 223 6.50 29.28 7.86
CA ASN B 223 7.24 29.98 8.92
C ASN B 223 8.18 31.07 8.44
N GLN B 224 8.72 30.91 7.24
CA GLN B 224 9.60 31.88 6.61
C GLN B 224 8.72 33.00 6.06
N TYR B 225 7.41 32.78 6.01
CA TYR B 225 6.47 33.78 5.53
C TYR B 225 6.06 34.64 6.70
N ILE B 226 5.94 34.01 7.86
CA ILE B 226 5.55 34.77 9.04
C ILE B 226 6.71 35.69 9.42
N GLU B 227 7.94 35.21 9.28
CA GLU B 227 9.10 36.02 9.62
C GLU B 227 9.24 37.24 8.71
N SER B 228 8.97 37.08 7.42
CA SER B 228 9.10 38.18 6.46
C SER B 228 8.03 39.27 6.52
N THR B 229 7.05 39.15 7.41
CA THR B 229 6.00 40.17 7.51
C THR B 229 6.23 40.80 8.87
N SER B 230 6.88 40.03 9.73
CA SER B 230 7.20 40.49 11.07
C SER B 230 8.25 41.61 11.00
ZN ZN C . 0.52 -13.50 -1.02
ZN ZN D . 0.31 -15.80 1.48
NA NA E . 6.30 -13.91 6.74
C1 113 F . -4.06 -13.52 3.12
C2 113 F . -5.05 -14.02 3.96
C3 113 F . -5.10 -15.39 4.20
C4 113 F . -4.32 -16.26 3.43
C5 113 F . -3.66 -15.76 2.28
C6 113 F . -3.43 -14.36 2.20
O8 113 F . -5.94 -15.88 5.19
C9 113 F . -6.03 -17.24 5.46
C10 113 F . -5.22 -18.15 4.88
C11 113 F . -4.20 -17.66 3.87
C12 113 F . -7.10 -17.61 6.45
C13 113 F . -7.57 -19.07 6.22
O14 113 F . -6.45 -19.95 6.10
C15 113 F . -5.35 -19.64 5.24
O16 113 F . -2.63 -13.74 1.25
O17 113 F . -3.65 -12.20 3.18
C18 113 F . -3.22 -16.65 1.17
O19 113 F . -1.97 -17.11 1.28
O20 113 F . -5.32 -20.50 4.09
C22 113 F . -6.39 -20.52 3.17
C26 113 F . -8.48 -19.58 7.35
O30 113 F . -3.98 -16.96 0.27
O31 113 F . -3.35 -18.43 3.47
ZN ZN G . -8.09 27.03 -1.64
ZN ZN H . -5.71 25.16 -3.85
NA NA I . -8.77 20.03 -7.11
C1 113 J . -5.41 29.02 -5.94
C2 113 J . -4.46 28.93 -6.95
C3 113 J . -3.17 28.50 -6.65
C4 113 J . -2.87 27.95 -5.39
C5 113 J . -3.84 28.03 -4.34
C6 113 J . -5.14 28.53 -4.66
O8 113 J . -2.19 28.64 -7.62
C9 113 J . -0.97 28.02 -7.49
C10 113 J . -0.53 27.51 -6.30
C11 113 J . -1.54 27.33 -5.20
C12 113 J . -0.14 27.96 -8.74
C13 113 J . 1.33 28.16 -8.38
O14 113 J . 1.70 27.22 -7.35
C15 113 J . 0.95 27.16 -6.11
O16 113 J . -6.19 28.58 -3.75
O17 113 J . -6.65 29.60 -6.15
C18 113 J . -3.54 27.64 -2.94
O19 113 J . -4.14 26.52 -2.51
O20 113 J . 1.56 27.92 -5.06
C22 113 J . 2.81 27.53 -4.52
C26 113 J . 2.29 27.97 -9.56
O30 113 J . -2.78 28.27 -2.24
O31 113 J . -1.21 26.71 -4.22
#